data_3EX1
#
_entry.id   3EX1
#
_cell.length_a   69.350
_cell.length_b   61.850
_cell.length_c   70.640
_cell.angle_alpha   90.00
_cell.angle_beta   113.69
_cell.angle_gamma   90.00
#
_symmetry.space_group_name_H-M   'P 1 21 1'
#
loop_
_entity.id
_entity.type
_entity.pdbx_description
1 polymer "Orotidine-5'-phosphate decarboxylase"
2 non-polymer "URIDINE-5'-MONOPHOSPHATE"
3 non-polymer GLYCEROL
4 non-polymer "6-cyanouridine 5'-phosphate"
5 water water
#
_entity_poly.entity_id   1
_entity_poly.type   'polypeptide(L)'
_entity_poly.pdbx_seq_one_letter_code
;GAMELSFGARAELPRIHPVASKLLRLMQKKETNLCLSADVSLARELLQLADALGPSICMLKTHVDILNDFTLDVMKELIT
LAKCHEFLIFEDRKFADIGNTVKKQYEGGIFKIASWADLVNAHVVPGSGVVKGLQEVGLPLHRGCLLIAEMSSTGSLATG
DYTRAAVRMAEEHSEFVVGFISGSRVSMKPEFLHLTPGVQLEAGGDNLGQQYNSPQEVIGKRGSDIIIVGRGIISAADRL
EAAEMYRKAAWEAYLSRLGV
;
_entity_poly.pdbx_strand_id   A,B
#
# COMPACT_ATOMS: atom_id res chain seq x y z
N MET A 3 2.27 -31.97 -17.22
CA MET A 3 3.72 -31.81 -17.54
C MET A 3 4.13 -30.34 -17.57
N GLU A 4 5.35 -30.08 -17.13
CA GLU A 4 5.87 -28.72 -17.01
C GLU A 4 6.33 -28.23 -18.38
N LEU A 5 5.99 -26.99 -18.75
CA LEU A 5 6.54 -26.35 -19.94
C LEU A 5 7.69 -25.42 -19.57
N SER A 6 8.65 -25.29 -20.49
CA SER A 6 9.73 -24.33 -20.36
C SER A 6 9.18 -22.91 -20.34
N PHE A 7 9.98 -21.99 -19.82
CA PHE A 7 9.61 -20.60 -19.89
C PHE A 7 9.36 -20.17 -21.36
N GLY A 8 10.16 -20.66 -22.30
CA GLY A 8 10.01 -20.25 -23.69
C GLY A 8 8.73 -20.76 -24.29
N ALA A 9 8.31 -21.96 -23.88
CA ALA A 9 7.01 -22.51 -24.35
C ALA A 9 5.85 -21.81 -23.69
N ARG A 10 5.97 -21.51 -22.41
CA ARG A 10 4.94 -20.74 -21.74
C ARG A 10 4.71 -19.35 -22.39
N ALA A 11 5.80 -18.74 -22.87
CA ALA A 11 5.69 -17.42 -23.53
C ALA A 11 4.77 -17.46 -24.75
N GLU A 12 4.61 -18.64 -25.35
CA GLU A 12 3.78 -18.84 -26.52
C GLU A 12 2.36 -19.29 -26.26
N LEU A 13 1.95 -19.45 -25.01
CA LEU A 13 0.64 -20.03 -24.72
C LEU A 13 -0.44 -19.10 -25.24
N PRO A 14 -1.52 -19.66 -25.80
CA PRO A 14 -2.56 -18.81 -26.36
C PRO A 14 -3.11 -17.72 -25.44
N ARG A 15 -3.27 -18.03 -24.16
CA ARG A 15 -3.90 -17.09 -23.21
C ARG A 15 -2.85 -16.25 -22.46
N ILE A 16 -1.58 -16.33 -22.87
CA ILE A 16 -0.52 -15.58 -22.20
C ILE A 16 -0.72 -14.06 -22.38
N HIS A 17 -0.47 -13.33 -21.30
CA HIS A 17 -0.45 -11.87 -21.38
C HIS A 17 0.83 -11.40 -22.07
N PRO A 18 0.73 -10.36 -22.92
CA PRO A 18 1.94 -9.89 -23.59
C PRO A 18 3.11 -9.54 -22.69
N VAL A 19 2.85 -9.03 -21.49
CA VAL A 19 3.92 -8.65 -20.60
C VAL A 19 4.58 -9.92 -20.06
N ALA A 20 3.76 -10.91 -19.72
CA ALA A 20 4.26 -12.20 -19.26
C ALA A 20 5.09 -12.86 -20.39
N SER A 21 4.57 -12.77 -21.62
CA SER A 21 5.35 -13.33 -22.74
C SER A 21 6.72 -12.69 -22.95
N LYS A 22 6.76 -11.35 -22.91
CA LYS A 22 8.01 -10.65 -23.02
C LYS A 22 8.98 -11.15 -21.96
N LEU A 23 8.49 -11.25 -20.73
CA LEU A 23 9.32 -11.63 -19.61
C LEU A 23 9.87 -13.06 -19.76
N LEU A 24 8.94 -13.97 -20.03
CA LEU A 24 9.31 -15.37 -20.22
C LEU A 24 10.33 -15.58 -21.35
N ARG A 25 10.13 -14.88 -22.47
CA ARG A 25 11.13 -14.94 -23.55
C ARG A 25 12.53 -14.47 -23.14
N LEU A 26 12.62 -13.37 -22.39
CA LEU A 26 13.95 -12.89 -22.00
C LEU A 26 14.55 -13.78 -20.89
N MET A 27 13.69 -14.35 -20.06
CA MET A 27 14.17 -15.33 -19.06
C MET A 27 14.87 -16.52 -19.75
N GLN A 28 14.22 -17.05 -20.77
CA GLN A 28 14.82 -18.14 -21.52
CA GLN A 28 14.78 -18.13 -21.58
C GLN A 28 16.07 -17.69 -22.29
N LYS A 29 15.99 -16.55 -22.96
CA LYS A 29 17.16 -16.04 -23.72
C LYS A 29 18.39 -15.86 -22.84
N LYS A 30 18.19 -15.28 -21.67
CA LYS A 30 19.30 -14.91 -20.81
C LYS A 30 19.65 -15.93 -19.72
N GLU A 31 18.88 -17.03 -19.67
CA GLU A 31 18.97 -18.04 -18.60
C GLU A 31 18.96 -17.38 -17.22
N THR A 32 17.96 -16.52 -17.02
CA THR A 32 17.79 -15.92 -15.70
C THR A 32 16.33 -15.90 -15.26
N ASN A 33 16.10 -16.34 -14.02
CA ASN A 33 14.83 -16.17 -13.33
C ASN A 33 15.03 -15.47 -12.00
N LEU A 34 15.94 -14.50 -12.03
CA LEU A 34 16.31 -13.63 -10.88
C LEU A 34 15.75 -12.24 -11.06
N CYS A 35 15.02 -11.76 -10.06
CA CYS A 35 14.55 -10.37 -9.95
C CYS A 35 15.36 -9.71 -8.84
N LEU A 36 16.10 -8.64 -9.19
CA LEU A 36 16.81 -7.86 -8.24
C LEU A 36 15.88 -6.89 -7.55
N SER A 37 15.89 -6.91 -6.21
CA SER A 37 15.18 -5.94 -5.41
C SER A 37 16.16 -4.83 -5.09
N ALA A 38 16.01 -3.72 -5.83
CA ALA A 38 16.97 -2.61 -5.79
C ALA A 38 16.52 -1.62 -4.72
N ASP A 39 16.71 -2.02 -3.47
CA ASP A 39 16.20 -1.25 -2.35
C ASP A 39 17.32 -0.30 -1.94
N VAL A 40 17.35 0.86 -2.60
CA VAL A 40 18.32 1.92 -2.33
C VAL A 40 17.64 3.28 -2.28
N SER A 41 18.31 4.24 -1.64
CA SER A 41 17.76 5.57 -1.43
C SER A 41 18.20 6.62 -2.46
N LEU A 42 19.22 6.32 -3.27
CA LEU A 42 19.76 7.27 -4.25
C LEU A 42 19.58 6.82 -5.69
N ALA A 43 19.14 7.73 -6.54
CA ALA A 43 18.92 7.45 -7.95
C ALA A 43 20.16 6.91 -8.61
N ARG A 44 21.33 7.44 -8.28
CA ARG A 44 22.55 6.99 -8.94
C ARG A 44 22.83 5.54 -8.58
N GLU A 45 22.51 5.14 -7.35
CA GLU A 45 22.68 3.75 -6.88
C GLU A 45 21.74 2.82 -7.66
N LEU A 46 20.50 3.25 -7.85
CA LEU A 46 19.53 2.49 -8.60
C LEU A 46 20.01 2.22 -10.03
N LEU A 47 20.49 3.27 -10.67
CA LEU A 47 20.94 3.19 -12.04
C LEU A 47 22.24 2.41 -12.16
N GLN A 48 23.15 2.62 -11.21
CA GLN A 48 24.41 1.86 -11.18
C GLN A 48 24.17 0.33 -11.05
N LEU A 49 23.31 -0.05 -10.12
CA LEU A 49 22.98 -1.45 -9.95
C LEU A 49 22.28 -2.04 -11.16
N ALA A 50 21.32 -1.30 -11.71
CA ALA A 50 20.59 -1.71 -12.92
C ALA A 50 21.51 -1.97 -14.12
N ASP A 51 22.51 -1.12 -14.30
CA ASP A 51 23.43 -1.24 -15.45
C ASP A 51 24.38 -2.41 -15.24
N ALA A 52 24.97 -2.49 -14.04
CA ALA A 52 25.94 -3.56 -13.70
C ALA A 52 25.34 -4.98 -13.63
N LEU A 53 24.14 -5.08 -13.08
CA LEU A 53 23.50 -6.38 -12.85
C LEU A 53 22.48 -6.74 -13.92
N GLY A 54 22.14 -5.80 -14.79
CA GLY A 54 21.13 -6.01 -15.81
C GLY A 54 21.30 -7.28 -16.62
N PRO A 55 22.54 -7.58 -17.06
CA PRO A 55 22.76 -8.84 -17.77
C PRO A 55 22.31 -10.10 -17.02
N SER A 56 22.35 -10.08 -15.69
CA SER A 56 22.12 -11.25 -14.86
C SER A 56 20.67 -11.40 -14.41
N ILE A 57 19.79 -10.42 -14.70
CA ILE A 57 18.46 -10.37 -14.12
C ILE A 57 17.37 -10.34 -15.19
N CYS A 58 16.21 -10.92 -14.87
CA CYS A 58 15.06 -10.80 -15.74
C CYS A 58 14.18 -9.58 -15.42
N MET A 59 14.38 -9.04 -14.22
CA MET A 59 13.50 -8.03 -13.69
C MET A 59 14.22 -7.22 -12.60
N LEU A 60 13.86 -5.93 -12.53
CA LEU A 60 14.38 -5.02 -11.53
CA LEU A 60 14.38 -5.06 -11.49
C LEU A 60 13.15 -4.55 -10.75
N LYS A 61 13.14 -4.78 -9.45
CA LYS A 61 12.02 -4.40 -8.61
C LYS A 61 12.41 -3.15 -7.87
N THR A 62 11.56 -2.12 -8.00
CA THR A 62 11.81 -0.80 -7.44
C THR A 62 10.84 -0.54 -6.27
N HIS A 63 11.32 0.27 -5.35
CA HIS A 63 10.46 1.04 -4.43
C HIS A 63 10.73 2.51 -4.67
N VAL A 64 10.03 3.10 -5.63
CA VAL A 64 10.34 4.50 -5.98
C VAL A 64 10.07 5.46 -4.83
N ASP A 65 9.20 5.09 -3.92
CA ASP A 65 8.92 5.98 -2.81
C ASP A 65 10.00 6.02 -1.74
N ILE A 66 11.09 5.25 -1.85
CA ILE A 66 12.20 5.40 -0.92
C ILE A 66 13.39 6.15 -1.58
N LEU A 67 13.26 6.50 -2.85
CA LEU A 67 14.32 7.26 -3.55
C LEU A 67 14.30 8.72 -3.08
N ASN A 68 15.35 9.13 -2.38
CA ASN A 68 15.43 10.51 -1.87
C ASN A 68 15.42 11.56 -2.99
N ASP A 69 15.81 11.14 -4.19
CA ASP A 69 15.90 12.05 -5.33
C ASP A 69 15.17 11.56 -6.60
N PHE A 70 13.98 11.02 -6.43
CA PHE A 70 13.20 10.60 -7.56
C PHE A 70 12.91 11.77 -8.48
N THR A 71 13.06 11.52 -9.78
CA THR A 71 12.46 12.36 -10.80
C THR A 71 12.04 11.44 -11.92
N LEU A 72 11.16 11.91 -12.78
CA LEU A 72 10.73 11.12 -13.94
C LEU A 72 11.87 10.91 -14.93
N ASP A 73 12.90 11.76 -14.87
CA ASP A 73 14.06 11.54 -15.73
C ASP A 73 14.85 10.35 -15.24
N VAL A 74 14.86 10.11 -13.92
CA VAL A 74 15.49 8.90 -13.38
C VAL A 74 14.83 7.66 -14.01
N MET A 75 13.51 7.69 -14.11
CA MET A 75 12.78 6.54 -14.64
CA MET A 75 12.70 6.60 -14.67
C MET A 75 12.92 6.43 -16.17
N LYS A 76 13.01 7.55 -16.89
CA LYS A 76 13.36 7.51 -18.31
CA LYS A 76 13.37 7.52 -18.31
C LYS A 76 14.67 6.77 -18.54
N GLU A 77 15.67 7.08 -17.71
CA GLU A 77 17.00 6.49 -17.81
C GLU A 77 16.99 5.03 -17.39
N LEU A 78 16.15 4.69 -16.42
CA LEU A 78 16.04 3.30 -16.01
C LEU A 78 15.42 2.49 -17.14
N ILE A 79 14.45 3.08 -17.84
CA ILE A 79 13.83 2.40 -18.98
C ILE A 79 14.83 2.10 -20.10
N THR A 80 15.72 3.05 -20.42
CA THR A 80 16.80 2.85 -21.38
CA THR A 80 16.73 2.79 -21.43
C THR A 80 17.63 1.62 -21.01
N LEU A 81 17.97 1.53 -19.72
CA LEU A 81 18.78 0.41 -19.19
C LEU A 81 18.02 -0.91 -19.29
N ALA A 82 16.73 -0.87 -18.99
CA ALA A 82 15.85 -2.04 -19.08
C ALA A 82 15.77 -2.52 -20.52
N LYS A 83 15.68 -1.59 -21.47
CA LYS A 83 15.60 -1.95 -22.90
C LYS A 83 16.94 -2.49 -23.43
N CYS A 84 18.04 -1.90 -22.95
CA CYS A 84 19.38 -2.29 -23.35
C CYS A 84 19.76 -3.69 -22.85
N HIS A 85 19.62 -3.90 -21.55
CA HIS A 85 20.05 -5.14 -20.93
C HIS A 85 18.95 -6.21 -20.98
N GLU A 86 17.72 -5.82 -21.31
CA GLU A 86 16.57 -6.71 -21.44
C GLU A 86 16.08 -7.26 -20.11
N PHE A 87 15.44 -6.40 -19.33
CA PHE A 87 14.75 -6.80 -18.10
C PHE A 87 13.51 -5.95 -17.94
N LEU A 88 12.52 -6.44 -17.21
CA LEU A 88 11.31 -5.65 -16.93
C LEU A 88 11.50 -4.86 -15.66
N ILE A 89 10.74 -3.77 -15.53
CA ILE A 89 10.69 -2.95 -14.33
C ILE A 89 9.37 -3.22 -13.59
N PHE A 90 9.53 -3.65 -12.33
CA PHE A 90 8.43 -3.95 -11.46
C PHE A 90 8.47 -3.01 -10.27
N GLU A 91 7.45 -2.15 -10.18
CA GLU A 91 7.32 -1.25 -9.04
C GLU A 91 6.51 -1.93 -7.92
N ASP A 92 7.15 -2.16 -6.78
CA ASP A 92 6.55 -2.93 -5.68
C ASP A 92 5.77 -1.97 -4.77
N ARG A 93 4.72 -1.43 -5.36
CA ARG A 93 3.85 -0.42 -4.74
C ARG A 93 2.84 -1.03 -3.74
N LYS A 94 2.46 -2.29 -3.95
CA LYS A 94 1.47 -2.97 -3.07
C LYS A 94 0.21 -2.11 -2.97
N PHE A 95 -0.33 -1.72 -4.12
CA PHE A 95 -1.64 -1.04 -4.12
C PHE A 95 -2.64 -1.78 -3.24
N ALA A 96 -3.33 -1.06 -2.38
CA ALA A 96 -4.15 -1.72 -1.35
C ALA A 96 -5.31 -0.85 -0.90
N ASP A 97 -5.83 -0.05 -1.82
CA ASP A 97 -6.94 0.89 -1.51
C ASP A 97 -8.14 0.52 -2.37
N ILE A 98 -9.23 1.27 -2.22
CA ILE A 98 -10.38 1.13 -3.09
C ILE A 98 -10.05 1.47 -4.52
N GLY A 99 -10.80 0.89 -5.46
CA GLY A 99 -10.58 1.05 -6.87
C GLY A 99 -10.44 2.50 -7.29
N ASN A 100 -11.32 3.35 -6.78
CA ASN A 100 -11.28 4.73 -7.25
C ASN A 100 -9.97 5.42 -6.88
N THR A 101 -9.44 5.09 -5.71
CA THR A 101 -8.18 5.65 -5.25
C THR A 101 -6.96 5.07 -5.96
N VAL A 102 -6.86 3.75 -6.05
CA VAL A 102 -5.66 3.18 -6.65
C VAL A 102 -5.49 3.60 -8.10
N LYS A 103 -6.60 3.81 -8.82
CA LYS A 103 -6.45 4.27 -10.21
C LYS A 103 -5.65 5.58 -10.27
N LYS A 104 -5.94 6.50 -9.35
CA LYS A 104 -5.20 7.76 -9.27
CA LYS A 104 -5.20 7.75 -9.28
C LYS A 104 -3.76 7.56 -8.82
N GLN A 105 -3.54 6.66 -7.86
CA GLN A 105 -2.20 6.39 -7.36
C GLN A 105 -1.28 5.74 -8.39
N TYR A 106 -1.88 4.99 -9.29
CA TYR A 106 -1.17 4.30 -10.36
C TYR A 106 -0.81 5.23 -11.52
N GLU A 107 -1.75 6.07 -11.92
CA GLU A 107 -1.49 6.90 -13.08
C GLU A 107 -0.81 8.23 -12.78
N GLY A 108 -1.10 8.78 -11.61
CA GLY A 108 -0.89 10.21 -11.37
C GLY A 108 0.13 10.48 -10.29
N GLY A 109 -0.05 11.61 -9.60
CA GLY A 109 0.91 12.03 -8.61
C GLY A 109 2.24 12.38 -9.23
N ILE A 110 3.26 12.46 -8.40
CA ILE A 110 4.59 12.77 -8.87
C ILE A 110 5.20 11.54 -9.57
N PHE A 111 4.91 10.34 -9.08
CA PHE A 111 5.57 9.15 -9.60
C PHE A 111 5.12 8.65 -10.98
N LYS A 112 3.87 8.92 -11.36
CA LYS A 112 3.31 8.44 -12.61
C LYS A 112 3.73 7.00 -12.90
N ILE A 113 3.45 6.12 -11.94
CA ILE A 113 3.99 4.77 -11.98
C ILE A 113 3.67 4.00 -13.28
N ALA A 114 2.45 4.14 -13.76
CA ALA A 114 1.98 3.44 -14.93
C ALA A 114 2.73 3.87 -16.20
N SER A 115 3.41 5.02 -16.15
CA SER A 115 4.12 5.54 -17.31
CA SER A 115 4.12 5.52 -17.32
C SER A 115 5.47 4.85 -17.51
N TRP A 116 5.97 4.11 -16.50
CA TRP A 116 7.26 3.45 -16.61
C TRP A 116 7.33 2.01 -16.08
N ALA A 117 6.40 1.58 -15.23
CA ALA A 117 6.51 0.24 -14.66
C ALA A 117 5.77 -0.79 -15.53
N ASP A 118 6.49 -1.79 -16.02
CA ASP A 118 5.88 -2.87 -16.78
C ASP A 118 4.88 -3.62 -15.90
N LEU A 119 5.28 -3.83 -14.65
CA LEU A 119 4.50 -4.56 -13.66
C LEU A 119 4.35 -3.75 -12.39
N VAL A 120 3.20 -3.91 -11.76
CA VAL A 120 2.99 -3.47 -10.41
C VAL A 120 2.35 -4.62 -9.66
N ASN A 121 2.19 -4.48 -8.36
CA ASN A 121 1.50 -5.49 -7.54
C ASN A 121 0.44 -4.84 -6.69
N ALA A 122 -0.46 -5.68 -6.19
CA ALA A 122 -1.60 -5.24 -5.44
C ALA A 122 -1.96 -6.27 -4.39
N HIS A 123 -2.30 -5.80 -3.22
CA HIS A 123 -2.96 -6.64 -2.25
C HIS A 123 -4.42 -6.86 -2.60
N VAL A 124 -4.94 -8.03 -2.19
CA VAL A 124 -6.32 -8.41 -2.53
C VAL A 124 -7.35 -8.08 -1.46
N VAL A 125 -6.86 -7.61 -0.33
CA VAL A 125 -7.71 -7.29 0.80
C VAL A 125 -8.88 -6.33 0.52
N PRO A 126 -8.76 -5.33 -0.41
CA PRO A 126 -9.93 -4.46 -0.66
C PRO A 126 -11.04 -5.14 -1.44
N GLY A 127 -10.79 -6.36 -1.92
CA GLY A 127 -11.67 -6.94 -2.92
C GLY A 127 -11.31 -6.55 -4.34
N SER A 128 -12.04 -7.10 -5.31
CA SER A 128 -11.61 -7.04 -6.71
C SER A 128 -11.62 -5.63 -7.30
N GLY A 129 -12.28 -4.70 -6.64
CA GLY A 129 -12.22 -3.36 -7.09
C GLY A 129 -10.82 -2.77 -7.14
N VAL A 130 -9.90 -3.29 -6.35
CA VAL A 130 -8.52 -2.86 -6.46
C VAL A 130 -7.96 -3.18 -7.84
N VAL A 131 -8.29 -4.35 -8.39
CA VAL A 131 -7.80 -4.72 -9.73
C VAL A 131 -8.55 -3.97 -10.83
N LYS A 132 -9.87 -3.85 -10.67
CA LYS A 132 -10.70 -3.10 -11.63
C LYS A 132 -10.20 -1.67 -11.76
N GLY A 133 -9.93 -1.00 -10.65
CA GLY A 133 -9.37 0.35 -10.71
C GLY A 133 -8.02 0.43 -11.40
N LEU A 134 -7.09 -0.47 -11.03
CA LEU A 134 -5.79 -0.47 -11.66
C LEU A 134 -5.87 -0.75 -13.14
N GLN A 135 -6.70 -1.74 -13.50
CA GLN A 135 -6.76 -2.16 -14.90
CA GLN A 135 -6.91 -2.20 -14.88
C GLN A 135 -7.30 -1.04 -15.81
N GLU A 136 -8.11 -0.12 -15.28
CA GLU A 136 -8.56 1.01 -16.11
C GLU A 136 -7.42 1.89 -16.63
N VAL A 137 -6.32 1.93 -15.89
CA VAL A 137 -5.13 2.65 -16.28
C VAL A 137 -4.10 1.74 -17.00
N GLY A 138 -3.93 0.53 -16.47
CA GLY A 138 -2.91 -0.37 -16.94
C GLY A 138 -3.21 -1.02 -18.28
N LEU A 139 -4.47 -1.31 -18.56
CA LEU A 139 -4.82 -1.98 -19.83
C LEU A 139 -4.49 -1.13 -21.05
N PRO A 140 -4.96 0.14 -21.08
CA PRO A 140 -4.52 1.04 -22.16
C PRO A 140 -3.01 1.18 -22.30
N LEU A 141 -2.25 1.12 -21.19
CA LEU A 141 -0.84 1.30 -21.22
C LEU A 141 -0.08 -0.02 -21.36
N HIS A 142 -0.79 -1.11 -21.61
CA HIS A 142 -0.15 -2.38 -21.97
C HIS A 142 0.64 -2.99 -20.81
N ARG A 143 0.13 -2.76 -19.60
CA ARG A 143 0.80 -3.18 -18.37
C ARG A 143 0.20 -4.43 -17.79
N GLY A 144 0.95 -4.98 -16.82
CA GLY A 144 0.49 -6.13 -16.06
C GLY A 144 0.55 -5.89 -14.57
N CYS A 145 -0.14 -6.76 -13.85
CA CYS A 145 -0.26 -6.72 -12.41
C CYS A 145 0.00 -8.08 -11.79
N LEU A 146 0.61 -8.07 -10.64
CA LEU A 146 0.81 -9.27 -9.80
C LEU A 146 -0.02 -9.14 -8.53
N LEU A 147 -0.74 -10.19 -8.13
CA LEU A 147 -1.51 -10.13 -6.91
C LEU A 147 -0.77 -10.81 -5.79
N ILE A 148 -0.78 -10.21 -4.62
CA ILE A 148 -0.05 -10.73 -3.48
C ILE A 148 -0.92 -11.80 -2.80
N ALA A 149 -0.56 -13.05 -3.07
CA ALA A 149 -1.33 -14.22 -2.62
C ALA A 149 -0.81 -14.74 -1.30
N GLU A 150 0.49 -14.60 -1.07
CA GLU A 150 1.17 -14.97 0.17
C GLU A 150 2.27 -13.94 0.42
N MET A 151 2.67 -13.81 1.68
CA MET A 151 3.77 -12.94 2.06
C MET A 151 4.84 -13.71 2.82
N SER A 152 6.07 -13.19 2.77
CA SER A 152 7.19 -13.91 3.36
C SER A 152 7.39 -13.60 4.82
N SER A 153 6.63 -12.67 5.37
CA SER A 153 6.93 -12.12 6.67
C SER A 153 6.23 -12.88 7.79
N THR A 154 6.82 -12.82 8.98
CA THR A 154 6.28 -13.52 10.15
C THR A 154 4.91 -12.95 10.54
N GLY A 155 3.93 -13.83 10.67
CA GLY A 155 2.58 -13.40 11.04
C GLY A 155 1.68 -13.01 9.88
N SER A 156 2.18 -13.18 8.66
CA SER A 156 1.37 -12.95 7.47
C SER A 156 -0.03 -13.54 7.58
N LEU A 157 -1.03 -12.74 7.23
CA LEU A 157 -2.39 -13.21 7.15
C LEU A 157 -2.82 -13.66 5.75
N ALA A 158 -1.90 -13.66 4.79
CA ALA A 158 -2.19 -14.05 3.41
C ALA A 158 -2.06 -15.56 3.28
N THR A 159 -3.01 -16.26 3.89
CA THR A 159 -2.99 -17.71 3.98
C THR A 159 -4.39 -18.23 3.75
N GLY A 160 -4.50 -19.53 3.50
CA GLY A 160 -5.79 -20.19 3.47
C GLY A 160 -6.76 -19.58 2.49
N ASP A 161 -7.94 -19.24 2.97
CA ASP A 161 -8.98 -18.66 2.15
C ASP A 161 -8.61 -17.32 1.49
N TYR A 162 -7.70 -16.57 2.14
CA TYR A 162 -7.21 -15.31 1.55
C TYR A 162 -6.43 -15.59 0.27
N THR A 163 -5.55 -16.58 0.35
CA THR A 163 -4.75 -16.97 -0.78
C THR A 163 -5.64 -17.46 -1.90
N ARG A 164 -6.61 -18.31 -1.57
CA ARG A 164 -7.53 -18.79 -2.61
C ARG A 164 -8.32 -17.65 -3.28
N ALA A 165 -8.68 -16.63 -2.50
CA ALA A 165 -9.34 -15.45 -3.04
C ALA A 165 -8.46 -14.70 -4.05
N ALA A 166 -7.17 -14.60 -3.75
CA ALA A 166 -6.22 -13.96 -4.66
C ALA A 166 -6.16 -14.73 -5.98
N VAL A 167 -6.11 -16.07 -5.90
CA VAL A 167 -6.08 -16.90 -7.12
C VAL A 167 -7.34 -16.71 -7.96
N ARG A 168 -8.51 -16.70 -7.30
CA ARG A 168 -9.77 -16.49 -8.03
C ARG A 168 -9.78 -15.12 -8.72
N MET A 169 -9.30 -14.12 -7.99
CA MET A 169 -9.28 -12.76 -8.51
C MET A 169 -8.39 -12.65 -9.78
N ALA A 170 -7.23 -13.31 -9.73
CA ALA A 170 -6.34 -13.33 -10.88
C ALA A 170 -6.98 -14.01 -12.06
N GLU A 171 -7.58 -15.17 -11.81
CA GLU A 171 -8.25 -15.96 -12.85
CA GLU A 171 -8.16 -15.94 -12.89
C GLU A 171 -9.33 -15.20 -13.56
N GLU A 172 -10.05 -14.40 -12.80
CA GLU A 172 -11.19 -13.64 -13.32
C GLU A 172 -10.77 -12.31 -13.94
N HIS A 173 -9.49 -11.94 -13.77
CA HIS A 173 -8.97 -10.69 -14.32
C HIS A 173 -7.70 -10.92 -15.15
N SER A 174 -7.67 -12.01 -15.92
CA SER A 174 -6.46 -12.38 -16.64
C SER A 174 -6.05 -11.49 -17.81
N GLU A 175 -6.91 -10.55 -18.22
CA GLU A 175 -6.47 -9.56 -19.19
C GLU A 175 -5.44 -8.59 -18.62
N PHE A 176 -5.34 -8.53 -17.30
CA PHE A 176 -4.42 -7.61 -16.63
C PHE A 176 -3.51 -8.27 -15.63
N VAL A 177 -4.01 -9.21 -14.84
CA VAL A 177 -3.23 -9.90 -13.83
C VAL A 177 -2.41 -11.02 -14.50
N VAL A 178 -1.09 -10.96 -14.34
CA VAL A 178 -0.19 -11.90 -15.00
C VAL A 178 0.37 -12.93 -14.02
N GLY A 179 0.05 -12.80 -12.74
CA GLY A 179 0.54 -13.76 -11.77
C GLY A 179 0.54 -13.24 -10.36
N PHE A 180 1.45 -13.78 -9.56
CA PHE A 180 1.41 -13.66 -8.12
C PHE A 180 2.74 -13.37 -7.50
N ILE A 181 2.69 -12.62 -6.41
CA ILE A 181 3.72 -12.68 -5.38
C ILE A 181 3.28 -13.78 -4.42
N SER A 182 4.12 -14.79 -4.23
CA SER A 182 3.75 -15.94 -3.38
C SER A 182 5.00 -16.65 -2.95
N GLY A 183 4.85 -17.54 -2.00
CA GLY A 183 5.98 -18.33 -1.53
C GLY A 183 6.12 -19.65 -2.26
N SER A 184 5.06 -20.01 -3.01
CA SER A 184 5.00 -21.27 -3.73
CA SER A 184 4.97 -21.29 -3.71
C SER A 184 4.05 -21.10 -4.90
N ARG A 185 4.02 -22.10 -5.76
CA ARG A 185 2.98 -22.19 -6.77
C ARG A 185 1.61 -22.20 -6.08
N VAL A 186 0.73 -21.28 -6.48
CA VAL A 186 -0.64 -21.23 -5.97
C VAL A 186 -1.71 -21.44 -7.06
N SER A 187 -1.32 -21.27 -8.31
CA SER A 187 -2.19 -21.52 -9.46
C SER A 187 -1.59 -22.65 -10.26
N MET A 188 -2.45 -23.53 -10.78
CA MET A 188 -2.03 -24.59 -11.67
C MET A 188 -2.04 -24.16 -13.15
N LYS A 189 -2.41 -22.92 -13.43
CA LYS A 189 -2.47 -22.46 -14.81
C LYS A 189 -1.13 -21.90 -15.21
N PRO A 190 -0.54 -22.41 -16.31
CA PRO A 190 0.84 -22.08 -16.63
C PRO A 190 1.03 -20.68 -17.22
N GLU A 191 -0.07 -20.01 -17.58
CA GLU A 191 -0.02 -18.63 -18.05
C GLU A 191 0.35 -17.67 -16.92
N PHE A 192 0.17 -18.07 -15.65
CA PHE A 192 0.50 -17.17 -14.53
C PHE A 192 1.93 -17.35 -14.05
N LEU A 193 2.57 -16.23 -13.75
CA LEU A 193 3.90 -16.23 -13.15
C LEU A 193 3.81 -16.29 -11.64
N HIS A 194 4.77 -16.93 -11.02
CA HIS A 194 4.95 -16.89 -9.58
C HIS A 194 6.30 -16.27 -9.25
N LEU A 195 6.27 -15.19 -8.49
CA LEU A 195 7.48 -14.54 -8.00
C LEU A 195 7.52 -14.63 -6.46
N THR A 196 8.69 -15.02 -5.93
CA THR A 196 8.87 -15.24 -4.53
C THR A 196 9.96 -14.41 -3.90
N PRO A 197 9.58 -13.52 -2.97
CA PRO A 197 10.56 -12.82 -2.17
C PRO A 197 10.85 -13.62 -0.90
N GLY A 198 11.74 -13.11 -0.08
CA GLY A 198 12.16 -13.84 1.12
C GLY A 198 13.14 -14.91 0.71
N VAL A 199 14.13 -14.54 -0.09
CA VAL A 199 15.09 -15.52 -0.61
C VAL A 199 16.53 -15.12 -0.31
N GLN A 200 17.28 -16.06 0.26
CA GLN A 200 18.73 -15.95 0.43
CA GLN A 200 18.73 -15.95 0.34
C GLN A 200 19.31 -17.35 0.38
N LEU A 201 20.60 -17.45 0.08
CA LEU A 201 21.26 -18.77 0.04
C LEU A 201 21.32 -19.42 1.41
N GLU A 202 21.56 -18.62 2.45
CA GLU A 202 21.67 -19.11 3.82
C GLU A 202 20.37 -18.98 4.61
N ALA A 203 20.17 -19.84 5.60
CA ALA A 203 19.00 -19.73 6.45
C ALA A 203 19.06 -18.44 7.28
N GLY A 204 17.89 -17.89 7.58
CA GLY A 204 17.80 -16.72 8.44
C GLY A 204 16.54 -15.90 8.29
N GLY A 205 16.66 -14.68 8.82
CA GLY A 205 15.64 -13.66 8.69
C GLY A 205 16.26 -12.27 8.89
N ASP A 206 15.41 -11.29 9.12
CA ASP A 206 15.89 -9.99 9.63
C ASP A 206 15.22 -9.70 10.97
N ASN A 207 15.46 -8.52 11.54
CA ASN A 207 14.91 -8.22 12.86
C ASN A 207 13.48 -7.66 12.85
N LEU A 208 12.88 -7.53 11.66
CA LEU A 208 11.53 -6.99 11.51
C LEU A 208 10.65 -7.94 10.69
N GLY A 209 10.85 -9.24 10.92
CA GLY A 209 9.90 -10.24 10.43
C GLY A 209 10.12 -10.86 9.07
N GLN A 210 11.16 -10.44 8.33
CA GLN A 210 11.49 -11.10 7.08
C GLN A 210 12.01 -12.51 7.38
N GLN A 211 11.57 -13.47 6.59
CA GLN A 211 12.03 -14.85 6.69
C GLN A 211 12.57 -15.30 5.36
N TYR A 212 13.63 -16.08 5.37
CA TYR A 212 14.28 -16.51 4.11
C TYR A 212 14.18 -18.01 3.82
N ASN A 213 14.09 -18.31 2.52
CA ASN A 213 14.23 -19.66 2.02
C ASN A 213 15.18 -19.62 0.83
N SER A 214 15.75 -20.77 0.46
CA SER A 214 16.76 -20.79 -0.58
C SER A 214 16.15 -20.86 -1.97
N PRO A 215 16.91 -20.48 -2.99
CA PRO A 215 16.43 -20.62 -4.34
C PRO A 215 16.01 -22.06 -4.69
N GLN A 216 16.79 -23.04 -4.26
CA GLN A 216 16.44 -24.44 -4.53
C GLN A 216 15.09 -24.82 -3.90
N GLU A 217 14.85 -24.39 -2.67
CA GLU A 217 13.60 -24.66 -2.00
C GLU A 217 12.46 -23.99 -2.74
N VAL A 218 12.59 -22.71 -3.06
CA VAL A 218 11.44 -21.97 -3.61
C VAL A 218 11.11 -22.31 -5.05
N ILE A 219 12.14 -22.45 -5.90
CA ILE A 219 11.96 -22.76 -7.32
C ILE A 219 11.77 -24.25 -7.50
N GLY A 220 12.65 -25.03 -6.87
CA GLY A 220 12.68 -26.48 -7.04
C GLY A 220 11.57 -27.22 -6.36
N LYS A 221 11.44 -27.05 -5.04
CA LYS A 221 10.44 -27.78 -4.27
C LYS A 221 9.07 -27.12 -4.26
N ARG A 222 9.06 -25.79 -4.18
CA ARG A 222 7.79 -25.07 -4.03
C ARG A 222 7.17 -24.64 -5.36
N GLY A 223 7.92 -24.84 -6.44
CA GLY A 223 7.44 -24.61 -7.80
C GLY A 223 7.23 -23.19 -8.26
N SER A 224 7.87 -22.23 -7.59
CA SER A 224 7.80 -20.84 -8.06
CA SER A 224 7.81 -20.83 -8.05
C SER A 224 8.66 -20.62 -9.30
N ASP A 225 8.48 -19.49 -9.98
CA ASP A 225 9.19 -19.22 -11.23
C ASP A 225 10.42 -18.34 -11.08
N ILE A 226 10.28 -17.31 -10.23
CA ILE A 226 11.25 -16.20 -10.14
C ILE A 226 11.55 -15.93 -8.68
N ILE A 227 12.82 -15.77 -8.37
CA ILE A 227 13.21 -15.35 -7.02
C ILE A 227 13.42 -13.84 -7.00
N ILE A 228 12.99 -13.21 -5.90
CA ILE A 228 13.18 -11.80 -5.66
C ILE A 228 14.23 -11.66 -4.55
N VAL A 229 15.39 -11.05 -4.84
CA VAL A 229 16.53 -11.00 -3.89
C VAL A 229 17.04 -9.58 -3.77
N GLY A 230 17.04 -9.07 -2.53
CA GLY A 230 17.51 -7.72 -2.21
C GLY A 230 18.84 -7.77 -1.49
N ARG A 231 18.79 -7.77 -0.17
CA ARG A 231 19.98 -7.74 0.66
C ARG A 231 20.97 -8.86 0.37
N GLY A 232 20.46 -10.05 0.03
CA GLY A 232 21.32 -11.16 -0.35
C GLY A 232 22.34 -10.78 -1.40
N ILE A 233 21.97 -9.88 -2.31
CA ILE A 233 22.86 -9.38 -3.34
C ILE A 233 23.47 -8.02 -2.97
N ILE A 234 22.63 -7.05 -2.58
CA ILE A 234 23.08 -5.66 -2.43
C ILE A 234 24.09 -5.49 -1.29
N SER A 235 23.93 -6.27 -0.23
CA SER A 235 24.87 -6.20 0.91
C SER A 235 26.18 -6.97 0.67
N ALA A 236 26.24 -7.79 -0.38
CA ALA A 236 27.46 -8.54 -0.64
C ALA A 236 28.58 -7.61 -1.05
N ALA A 237 29.82 -8.01 -0.77
CA ALA A 237 30.95 -7.20 -1.23
C ALA A 237 30.96 -7.10 -2.76
N ASP A 238 30.85 -8.26 -3.42
CA ASP A 238 30.81 -8.32 -4.88
C ASP A 238 29.35 -8.60 -5.33
N ARG A 239 28.64 -7.55 -5.75
CA ARG A 239 27.25 -7.68 -6.14
C ARG A 239 27.10 -8.41 -7.45
N LEU A 240 28.09 -8.30 -8.33
CA LEU A 240 28.00 -9.01 -9.61
C LEU A 240 28.09 -10.50 -9.38
N GLU A 241 29.10 -10.91 -8.61
CA GLU A 241 29.26 -12.32 -8.28
C GLU A 241 28.05 -12.81 -7.50
N ALA A 242 27.52 -12.03 -6.56
CA ALA A 242 26.34 -12.47 -5.83
C ALA A 242 25.15 -12.65 -6.77
N ALA A 243 24.93 -11.72 -7.69
CA ALA A 243 23.80 -11.82 -8.64
C ALA A 243 23.93 -13.10 -9.46
N GLU A 244 25.14 -13.40 -9.90
CA GLU A 244 25.39 -14.60 -10.68
C GLU A 244 25.16 -15.87 -9.85
N MET A 245 25.59 -15.87 -8.60
CA MET A 245 25.28 -17.02 -7.71
C MET A 245 23.78 -17.28 -7.55
N TYR A 246 22.99 -16.24 -7.34
CA TYR A 246 21.55 -16.38 -7.24
C TYR A 246 20.93 -16.80 -8.57
N ARG A 247 21.37 -16.20 -9.67
CA ARG A 247 20.88 -16.59 -10.97
C ARG A 247 21.13 -18.06 -11.24
N LYS A 248 22.38 -18.49 -11.07
CA LYS A 248 22.73 -19.89 -11.35
C LYS A 248 21.91 -20.80 -10.46
N ALA A 249 21.73 -20.45 -9.20
CA ALA A 249 20.94 -21.25 -8.28
C ALA A 249 19.48 -21.37 -8.75
N ALA A 250 18.84 -20.25 -9.06
CA ALA A 250 17.47 -20.29 -9.48
C ALA A 250 17.31 -20.97 -10.83
N TRP A 251 18.27 -20.77 -11.70
CA TRP A 251 18.19 -21.32 -13.07
C TRP A 251 18.31 -22.84 -13.00
N GLU A 252 19.27 -23.35 -12.23
CA GLU A 252 19.42 -24.79 -12.12
CA GLU A 252 19.44 -24.79 -12.09
C GLU A 252 18.25 -25.45 -11.41
N ALA A 253 17.69 -24.79 -10.40
CA ALA A 253 16.51 -25.30 -9.75
C ALA A 253 15.36 -25.43 -10.74
N TYR A 254 15.20 -24.44 -11.62
CA TYR A 254 14.19 -24.51 -12.68
C TYR A 254 14.46 -25.66 -13.62
N LEU A 255 15.70 -25.79 -14.09
CA LEU A 255 16.02 -26.84 -15.06
C LEU A 255 15.76 -28.23 -14.49
N SER A 256 16.04 -28.41 -13.20
CA SER A 256 15.86 -29.71 -12.56
C SER A 256 14.39 -30.10 -12.49
N ARG A 257 13.56 -29.15 -12.06
CA ARG A 257 12.13 -29.32 -11.98
C ARG A 257 11.55 -29.68 -13.34
N LEU A 258 12.09 -29.05 -14.36
CA LEU A 258 11.62 -29.23 -15.73
C LEU A 258 12.01 -30.59 -16.27
N GLY A 259 13.15 -31.12 -15.81
CA GLY A 259 13.59 -32.45 -16.20
C GLY A 259 14.06 -32.51 -17.64
N MET B 3 -19.98 1.83 29.68
CA MET B 3 -20.07 3.27 29.99
C MET B 3 -19.54 4.08 28.80
N GLU B 4 -20.38 4.98 28.29
CA GLU B 4 -20.04 5.81 27.14
C GLU B 4 -19.47 7.15 27.62
N LEU B 5 -18.22 7.43 27.28
CA LEU B 5 -17.55 8.65 27.68
C LEU B 5 -17.52 9.63 26.50
N SER B 6 -17.58 10.90 26.82
CA SER B 6 -17.45 11.96 25.83
C SER B 6 -16.03 11.91 25.29
N PHE B 7 -15.82 12.56 24.14
CA PHE B 7 -14.49 12.67 23.59
C PHE B 7 -13.55 13.38 24.58
N GLY B 8 -14.04 14.40 25.28
CA GLY B 8 -13.18 15.16 26.21
C GLY B 8 -12.71 14.30 27.37
N ALA B 9 -13.60 13.44 27.86
CA ALA B 9 -13.22 12.54 28.91
C ALA B 9 -12.21 11.50 28.41
N ARG B 10 -12.45 10.97 27.21
CA ARG B 10 -11.58 9.96 26.66
C ARG B 10 -10.17 10.52 26.46
N ALA B 11 -10.06 11.82 26.17
CA ALA B 11 -8.76 12.45 26.03
C ALA B 11 -7.90 12.36 27.30
N GLU B 12 -8.55 12.12 28.43
CA GLU B 12 -7.89 12.07 29.74
C GLU B 12 -7.65 10.64 30.24
N LEU B 13 -8.04 9.63 29.45
CA LEU B 13 -7.88 8.24 29.89
C LEU B 13 -6.41 7.96 30.19
N PRO B 14 -6.14 7.15 31.24
CA PRO B 14 -4.77 6.82 31.64
C PRO B 14 -3.88 6.29 30.51
N ARG B 15 -4.41 5.43 29.67
CA ARG B 15 -3.62 4.73 28.65
C ARG B 15 -3.68 5.44 27.28
N ILE B 16 -4.20 6.66 27.26
CA ILE B 16 -4.43 7.38 26.01
C ILE B 16 -3.08 7.80 25.41
N HIS B 17 -2.98 7.62 24.10
CA HIS B 17 -1.81 8.10 23.37
C HIS B 17 -1.92 9.63 23.25
N PRO B 18 -0.80 10.37 23.39
CA PRO B 18 -0.86 11.84 23.28
C PRO B 18 -1.45 12.41 21.97
N VAL B 19 -1.23 11.73 20.83
CA VAL B 19 -1.87 12.20 19.59
CA VAL B 19 -1.85 12.10 19.55
C VAL B 19 -3.37 11.97 19.61
N ALA B 20 -3.81 10.83 20.15
CA ALA B 20 -5.24 10.58 20.36
C ALA B 20 -5.82 11.61 21.35
N SER B 21 -5.06 11.93 22.39
CA SER B 21 -5.54 12.92 23.35
C SER B 21 -5.70 14.30 22.70
N LYS B 22 -4.73 14.70 21.91
CA LYS B 22 -4.82 15.98 21.23
C LYS B 22 -6.05 16.02 20.30
N LEU B 23 -6.27 14.93 19.57
CA LEU B 23 -7.42 14.83 18.66
C LEU B 23 -8.75 14.92 19.42
N LEU B 24 -8.88 14.12 20.46
CA LEU B 24 -10.13 14.06 21.20
C LEU B 24 -10.47 15.39 21.85
N ARG B 25 -9.46 16.06 22.40
CA ARG B 25 -9.61 17.43 22.93
C ARG B 25 -10.14 18.41 21.88
N LEU B 26 -9.57 18.40 20.69
CA LEU B 26 -10.05 19.34 19.70
C LEU B 26 -11.42 18.96 19.12
N MET B 27 -11.75 17.66 19.09
CA MET B 27 -13.08 17.21 18.65
C MET B 27 -14.12 17.79 19.61
N GLN B 28 -13.83 17.67 20.90
CA GLN B 28 -14.73 18.21 21.92
C GLN B 28 -14.87 19.73 21.85
N LYS B 29 -13.74 20.40 21.70
CA LYS B 29 -13.71 21.88 21.65
C LYS B 29 -14.50 22.43 20.47
N LYS B 30 -14.33 21.81 19.31
CA LYS B 30 -14.90 22.29 18.04
C LYS B 30 -16.22 21.64 17.65
N GLU B 31 -16.65 20.63 18.42
CA GLU B 31 -17.86 19.87 18.13
C GLU B 31 -17.81 19.30 16.73
N THR B 32 -16.72 18.60 16.47
CA THR B 32 -16.56 17.92 15.19
C THR B 32 -15.85 16.58 15.32
N ASN B 33 -16.49 15.60 14.68
CA ASN B 33 -15.93 14.26 14.49
C ASN B 33 -15.92 13.90 13.01
N LEU B 34 -15.63 14.91 12.20
CA LEU B 34 -15.53 14.80 10.74
C LEU B 34 -14.08 14.85 10.28
N CYS B 35 -13.68 13.82 9.57
CA CYS B 35 -12.39 13.81 8.86
C CYS B 35 -12.66 14.04 7.37
N LEU B 36 -12.12 15.13 6.81
CA LEU B 36 -12.19 15.39 5.39
C LEU B 36 -11.17 14.56 4.65
N SER B 37 -11.63 13.80 3.66
CA SER B 37 -10.74 13.09 2.76
C SER B 37 -10.50 14.00 1.56
N ALA B 38 -9.37 14.70 1.62
CA ALA B 38 -9.04 15.73 0.63
C ALA B 38 -8.46 15.11 -0.62
N ASP B 39 -9.32 14.41 -1.36
CA ASP B 39 -8.89 13.66 -2.53
C ASP B 39 -8.88 14.52 -3.77
N VAL B 40 -7.86 15.37 -3.83
CA VAL B 40 -7.67 16.29 -4.93
C VAL B 40 -6.26 16.12 -5.44
N SER B 41 -6.04 16.59 -6.66
CA SER B 41 -4.77 16.42 -7.33
C SER B 41 -3.92 17.68 -7.33
N LEU B 42 -4.50 18.79 -6.86
CA LEU B 42 -3.85 20.10 -6.91
C LEU B 42 -3.58 20.65 -5.53
N ALA B 43 -2.35 21.05 -5.28
CA ALA B 43 -1.98 21.60 -3.97
C ALA B 43 -2.81 22.82 -3.61
N ARG B 44 -3.11 23.68 -4.58
CA ARG B 44 -3.91 24.88 -4.30
CA ARG B 44 -3.91 24.88 -4.29
C ARG B 44 -5.31 24.50 -3.82
N GLU B 45 -5.93 23.48 -4.44
CA GLU B 45 -7.24 23.06 -4.02
C GLU B 45 -7.17 22.42 -2.62
N LEU B 46 -6.16 21.60 -2.40
CA LEU B 46 -5.94 21.02 -1.07
C LEU B 46 -5.86 22.10 0.02
N LEU B 47 -5.03 23.11 -0.22
CA LEU B 47 -4.84 24.13 0.79
C LEU B 47 -6.08 25.00 0.94
N GLN B 48 -6.75 25.30 -0.16
CA GLN B 48 -7.93 26.11 -0.07
C GLN B 48 -9.02 25.38 0.70
N LEU B 49 -9.13 24.07 0.48
CA LEU B 49 -10.05 23.25 1.25
C LEU B 49 -9.66 23.21 2.72
N ALA B 50 -8.36 23.00 2.97
CA ALA B 50 -7.87 22.94 4.35
C ALA B 50 -8.18 24.21 5.14
N ASP B 51 -8.01 25.35 4.49
CA ASP B 51 -8.28 26.65 5.14
C ASP B 51 -9.78 26.85 5.37
N ALA B 52 -10.59 26.66 4.32
CA ALA B 52 -12.02 26.92 4.41
C ALA B 52 -12.75 25.95 5.33
N LEU B 53 -12.35 24.67 5.27
CA LEU B 53 -13.05 23.62 6.03
C LEU B 53 -12.37 23.31 7.36
N GLY B 54 -11.22 23.89 7.62
CA GLY B 54 -10.47 23.59 8.82
C GLY B 54 -11.28 23.74 10.11
N PRO B 55 -12.05 24.82 10.26
CA PRO B 55 -12.86 24.96 11.47
C PRO B 55 -13.94 23.89 11.65
N SER B 56 -14.30 23.18 10.58
CA SER B 56 -15.37 22.20 10.63
C SER B 56 -14.88 20.78 10.83
N ILE B 57 -13.57 20.53 10.79
CA ILE B 57 -13.04 19.16 10.76
C ILE B 57 -12.13 18.90 11.93
N CYS B 58 -12.06 17.64 12.34
CA CYS B 58 -11.08 17.26 13.36
C CYS B 58 -9.76 16.80 12.74
N MET B 59 -9.81 16.47 11.44
CA MET B 59 -8.72 15.78 10.78
C MET B 59 -8.84 16.00 9.28
N LEU B 60 -7.70 16.10 8.62
CA LEU B 60 -7.66 16.14 7.16
C LEU B 60 -6.87 14.91 6.74
N LYS B 61 -7.48 14.09 5.87
CA LYS B 61 -6.82 12.88 5.39
C LYS B 61 -6.33 13.16 3.97
N THR B 62 -5.05 12.86 3.78
CA THR B 62 -4.35 13.07 2.50
C THR B 62 -3.99 11.77 1.81
N HIS B 63 -3.87 11.87 0.49
CA HIS B 63 -3.18 10.91 -0.35
C HIS B 63 -2.13 11.72 -1.08
N VAL B 64 -1.00 11.91 -0.46
CA VAL B 64 0.03 12.78 -1.03
CA VAL B 64 0.02 12.78 -1.06
C VAL B 64 0.53 12.23 -2.38
N ASP B 65 0.41 10.92 -2.60
CA ASP B 65 0.85 10.31 -3.85
C ASP B 65 -0.09 10.54 -5.04
N ILE B 66 -1.18 11.26 -4.84
CA ILE B 66 -2.05 11.70 -5.91
CA ILE B 66 -2.00 11.71 -5.96
C ILE B 66 -1.86 13.22 -6.23
N LEU B 67 -1.09 13.93 -5.38
CA LEU B 67 -0.84 15.36 -5.59
CA LEU B 67 -0.87 15.36 -5.57
C LEU B 67 0.15 15.59 -6.70
N ASN B 68 -0.33 16.14 -7.81
CA ASN B 68 0.53 16.32 -8.97
C ASN B 68 1.66 17.28 -8.69
N ASP B 69 1.44 18.25 -7.79
CA ASP B 69 2.45 19.25 -7.46
C ASP B 69 2.85 19.24 -5.98
N PHE B 70 2.97 18.04 -5.43
CA PHE B 70 3.56 17.89 -4.11
C PHE B 70 4.94 18.54 -4.00
N THR B 71 5.14 19.28 -2.91
CA THR B 71 6.46 19.57 -2.38
C THR B 71 6.35 19.57 -0.85
N LEU B 72 7.47 19.53 -0.15
CA LEU B 72 7.48 19.67 1.32
C LEU B 72 6.99 21.06 1.74
N ASP B 73 7.09 22.05 0.84
CA ASP B 73 6.62 23.41 1.12
C ASP B 73 5.09 23.42 1.17
N VAL B 74 4.44 22.62 0.33
CA VAL B 74 3.00 22.45 0.43
C VAL B 74 2.64 21.87 1.81
N MET B 75 3.40 20.88 2.28
CA MET B 75 3.06 20.26 3.56
CA MET B 75 3.10 20.26 3.58
C MET B 75 3.30 21.26 4.70
N LYS B 76 4.32 22.11 4.56
CA LYS B 76 4.58 23.15 5.54
C LYS B 76 3.38 24.07 5.64
N GLU B 77 2.78 24.47 4.52
CA GLU B 77 1.60 25.31 4.56
CA GLU B 77 1.58 25.30 4.52
C GLU B 77 0.40 24.55 5.14
N LEU B 78 0.30 23.25 4.86
CA LEU B 78 -0.77 22.46 5.44
C LEU B 78 -0.64 22.39 6.96
N ILE B 79 0.58 22.21 7.44
CA ILE B 79 0.81 22.19 8.89
C ILE B 79 0.41 23.52 9.53
N THR B 80 0.78 24.63 8.88
CA THR B 80 0.36 25.94 9.34
C THR B 80 -1.17 26.03 9.48
N LEU B 81 -1.93 25.55 8.48
CA LEU B 81 -3.38 25.57 8.56
C LEU B 81 -3.92 24.61 9.66
N ALA B 82 -3.29 23.44 9.77
CA ALA B 82 -3.66 22.48 10.80
C ALA B 82 -3.49 23.08 12.21
N LYS B 83 -2.42 23.83 12.41
CA LYS B 83 -2.16 24.49 13.70
C LYS B 83 -3.14 25.65 13.94
N CYS B 84 -3.38 26.42 12.89
CA CYS B 84 -4.28 27.57 12.96
C CYS B 84 -5.72 27.14 13.30
N HIS B 85 -6.25 26.20 12.52
CA HIS B 85 -7.62 25.76 12.64
C HIS B 85 -7.82 24.61 13.59
N GLU B 86 -6.73 23.98 14.03
CA GLU B 86 -6.76 22.88 14.98
C GLU B 86 -7.38 21.61 14.41
N PHE B 87 -6.59 20.93 13.58
CA PHE B 87 -6.96 19.59 13.08
C PHE B 87 -5.68 18.78 12.89
N LEU B 88 -5.79 17.47 12.92
CA LEU B 88 -4.65 16.62 12.66
C LEU B 88 -4.55 16.30 11.20
N ILE B 89 -3.32 16.00 10.78
CA ILE B 89 -3.05 15.53 9.43
C ILE B 89 -2.85 14.01 9.39
N PHE B 90 -3.64 13.32 8.55
CA PHE B 90 -3.62 11.85 8.47
C PHE B 90 -3.25 11.49 7.01
N GLU B 91 -2.08 10.90 6.79
CA GLU B 91 -1.74 10.40 5.44
C GLU B 91 -2.19 8.94 5.31
N ASP B 92 -3.09 8.71 4.36
CA ASP B 92 -3.74 7.42 4.13
C ASP B 92 -2.88 6.60 3.20
N ARG B 93 -1.68 6.31 3.69
CA ARG B 93 -0.68 5.59 2.90
C ARG B 93 -0.91 4.06 2.84
N LYS B 94 -1.62 3.53 3.81
CA LYS B 94 -1.89 2.10 3.86
C LYS B 94 -0.60 1.27 3.71
N PHE B 95 0.34 1.56 4.59
CA PHE B 95 1.61 0.80 4.63
C PHE B 95 1.27 -0.69 4.69
N ALA B 96 1.94 -1.51 3.90
CA ALA B 96 1.51 -2.90 3.76
C ALA B 96 2.64 -3.81 3.30
N ASP B 97 3.84 -3.48 3.74
CA ASP B 97 5.04 -4.19 3.30
C ASP B 97 5.67 -4.78 4.54
N ILE B 98 6.77 -5.53 4.34
CA ILE B 98 7.55 -6.04 5.47
C ILE B 98 8.11 -4.85 6.27
N GLY B 99 8.40 -5.10 7.54
CA GLY B 99 8.85 -4.03 8.43
C GLY B 99 10.05 -3.23 7.95
N ASN B 100 11.05 -3.92 7.42
CA ASN B 100 12.25 -3.24 6.96
C ASN B 100 12.00 -2.23 5.82
N THR B 101 11.01 -2.52 4.98
CA THR B 101 10.66 -1.65 3.88
C THR B 101 9.81 -0.46 4.36
N VAL B 102 8.80 -0.71 5.18
CA VAL B 102 7.88 0.36 5.54
C VAL B 102 8.56 1.47 6.36
N LYS B 103 9.59 1.10 7.11
CA LYS B 103 10.34 2.11 7.87
CA LYS B 103 10.39 2.06 7.86
C LYS B 103 10.90 3.17 6.92
N LYS B 104 11.44 2.74 5.78
CA LYS B 104 12.00 3.65 4.81
C LYS B 104 10.90 4.44 4.07
N GLN B 105 9.79 3.76 3.79
CA GLN B 105 8.70 4.44 3.10
C GLN B 105 8.03 5.50 3.96
N TYR B 106 8.12 5.32 5.27
CA TYR B 106 7.54 6.25 6.24
C TYR B 106 8.44 7.48 6.49
N GLU B 107 9.74 7.23 6.65
CA GLU B 107 10.72 8.26 7.00
C GLU B 107 11.24 9.03 5.80
N GLY B 108 11.46 8.31 4.71
CA GLY B 108 12.29 8.79 3.61
C GLY B 108 11.60 9.10 2.30
N GLY B 109 12.36 8.95 1.22
CA GLY B 109 11.87 9.30 -0.09
C GLY B 109 11.57 10.77 -0.26
N ILE B 110 10.84 11.09 -1.31
CA ILE B 110 10.49 12.47 -1.57
C ILE B 110 9.42 12.98 -0.58
N PHE B 111 8.54 12.11 -0.08
CA PHE B 111 7.39 12.56 0.73
C PHE B 111 7.75 12.83 2.19
N LYS B 112 8.72 12.09 2.71
CA LYS B 112 9.12 12.20 4.12
C LYS B 112 7.87 12.29 5.00
N ILE B 113 7.01 11.30 4.84
CA ILE B 113 5.68 11.32 5.47
C ILE B 113 5.74 11.57 6.99
N ALA B 114 6.64 10.89 7.70
CA ALA B 114 6.73 11.05 9.15
C ALA B 114 7.01 12.47 9.60
N SER B 115 7.62 13.26 8.74
CA SER B 115 7.96 14.61 9.13
C SER B 115 6.73 15.51 9.26
N TRP B 116 5.62 15.18 8.60
CA TRP B 116 4.44 16.06 8.60
C TRP B 116 3.11 15.41 8.99
N ALA B 117 3.01 14.08 8.93
CA ALA B 117 1.74 13.41 9.24
C ALA B 117 1.66 13.08 10.73
N ASP B 118 0.61 13.56 11.38
CA ASP B 118 0.33 13.15 12.74
C ASP B 118 -0.02 11.68 12.82
N LEU B 119 -0.78 11.23 11.83
CA LEU B 119 -1.30 9.85 11.76
C LEU B 119 -1.01 9.28 10.40
N VAL B 120 -0.73 7.97 10.37
CA VAL B 120 -0.70 7.19 9.15
C VAL B 120 -1.51 5.92 9.45
N ASN B 121 -1.77 5.12 8.41
CA ASN B 121 -2.42 3.82 8.65
C ASN B 121 -1.63 2.72 8.00
N ALA B 122 -1.98 1.49 8.35
CA ALA B 122 -1.26 0.30 7.93
C ALA B 122 -2.23 -0.84 7.80
N HIS B 123 -2.04 -1.67 6.78
CA HIS B 123 -2.72 -2.94 6.67
C HIS B 123 -2.01 -3.94 7.57
N VAL B 124 -2.77 -4.88 8.10
CA VAL B 124 -2.23 -5.89 9.01
C VAL B 124 -1.81 -7.15 8.32
N VAL B 125 -2.10 -7.28 7.02
CA VAL B 125 -1.76 -8.51 6.29
C VAL B 125 -0.31 -8.99 6.39
N PRO B 126 0.69 -8.09 6.50
CA PRO B 126 2.06 -8.60 6.58
C PRO B 126 2.44 -9.23 7.90
N GLY B 127 1.57 -9.13 8.91
CA GLY B 127 1.99 -9.44 10.28
C GLY B 127 2.52 -8.21 11.01
N SER B 128 2.78 -8.34 12.32
CA SER B 128 3.10 -7.19 13.15
C SER B 128 4.39 -6.46 12.80
N GLY B 129 5.26 -7.09 11.98
CA GLY B 129 6.43 -6.40 11.46
C GLY B 129 6.11 -5.07 10.80
N VAL B 130 4.95 -4.94 10.17
CA VAL B 130 4.55 -3.68 9.59
C VAL B 130 4.45 -2.59 10.65
N VAL B 131 3.92 -2.93 11.82
CA VAL B 131 3.79 -1.97 12.90
C VAL B 131 5.14 -1.69 13.57
N LYS B 132 5.94 -2.75 13.76
CA LYS B 132 7.25 -2.60 14.38
C LYS B 132 8.16 -1.69 13.55
N GLY B 133 8.09 -1.82 12.23
CA GLY B 133 8.89 -0.97 11.36
C GLY B 133 8.48 0.49 11.41
N LEU B 134 7.18 0.74 11.38
CA LEU B 134 6.70 2.12 11.41
C LEU B 134 6.98 2.75 12.75
N GLN B 135 6.85 1.97 13.83
CA GLN B 135 7.02 2.49 15.17
C GLN B 135 8.47 2.94 15.42
N GLU B 136 9.43 2.27 14.79
CA GLU B 136 10.84 2.66 14.96
C GLU B 136 11.06 4.10 14.54
N VAL B 137 10.29 4.53 13.55
CA VAL B 137 10.28 5.89 13.08
C VAL B 137 9.35 6.81 13.88
N GLY B 138 8.14 6.35 14.12
CA GLY B 138 7.10 7.24 14.64
C GLY B 138 7.20 7.56 16.11
N LEU B 139 7.81 6.67 16.89
CA LEU B 139 7.89 6.82 18.35
C LEU B 139 8.54 8.14 18.83
N PRO B 140 9.83 8.40 18.47
CA PRO B 140 10.39 9.66 18.96
C PRO B 140 9.71 10.90 18.41
N LEU B 141 9.06 10.77 17.25
CA LEU B 141 8.40 11.91 16.64
C LEU B 141 7.00 12.12 17.21
N HIS B 142 6.61 11.28 18.17
CA HIS B 142 5.28 11.36 18.82
C HIS B 142 4.13 11.19 17.81
N ARG B 143 4.32 10.31 16.85
CA ARG B 143 3.30 10.01 15.85
C ARG B 143 2.39 8.86 16.29
N GLY B 144 1.28 8.67 15.58
CA GLY B 144 0.39 7.53 15.84
C GLY B 144 0.01 6.84 14.55
N CYS B 145 -0.56 5.63 14.69
CA CYS B 145 -0.92 4.78 13.56
C CYS B 145 -2.31 4.21 13.80
N LEU B 146 -3.00 4.00 12.69
CA LEU B 146 -4.31 3.39 12.67
C LEU B 146 -4.19 2.08 11.88
N LEU B 147 -4.73 0.99 12.41
CA LEU B 147 -4.69 -0.29 11.70
C LEU B 147 -5.99 -0.52 10.95
N ILE B 148 -5.90 -1.05 9.74
CA ILE B 148 -7.09 -1.25 8.89
C ILE B 148 -7.70 -2.59 9.28
N ALA B 149 -8.73 -2.53 10.11
CA ALA B 149 -9.42 -3.75 10.61
C ALA B 149 -10.53 -4.21 9.70
N GLU B 150 -11.16 -3.28 9.01
CA GLU B 150 -12.23 -3.54 8.06
C GLU B 150 -12.07 -2.54 6.93
N MET B 151 -12.59 -2.87 5.77
CA MET B 151 -12.65 -1.94 4.61
C MET B 151 -14.08 -1.78 4.10
N SER B 152 -14.35 -0.66 3.44
CA SER B 152 -15.70 -0.30 2.99
C SER B 152 -16.10 -0.89 1.66
N SER B 153 -15.15 -1.50 0.97
CA SER B 153 -15.32 -1.90 -0.43
C SER B 153 -15.88 -3.30 -0.61
N THR B 154 -16.53 -3.51 -1.75
CA THR B 154 -17.19 -4.77 -2.05
C THR B 154 -16.14 -5.86 -2.20
N GLY B 155 -16.33 -6.97 -1.49
CA GLY B 155 -15.43 -8.10 -1.53
C GLY B 155 -14.26 -7.99 -0.58
N SER B 156 -14.29 -7.02 0.32
CA SER B 156 -13.23 -6.84 1.29
C SER B 156 -12.93 -8.15 1.99
N LEU B 157 -11.65 -8.51 2.10
CA LEU B 157 -11.26 -9.69 2.85
C LEU B 157 -10.96 -9.35 4.32
N ALA B 158 -11.11 -8.09 4.72
CA ALA B 158 -10.85 -7.71 6.11
C ALA B 158 -12.03 -7.98 7.01
N THR B 159 -12.26 -9.26 7.26
CA THR B 159 -13.44 -9.71 8.01
C THR B 159 -13.05 -10.85 8.95
N GLY B 160 -13.95 -11.20 9.86
CA GLY B 160 -13.76 -12.36 10.71
C GLY B 160 -12.42 -12.36 11.44
N ASP B 161 -11.64 -13.43 11.27
CA ASP B 161 -10.40 -13.58 12.00
C ASP B 161 -9.36 -12.51 11.60
N TYR B 162 -9.49 -11.98 10.40
CA TYR B 162 -8.58 -10.93 9.91
C TYR B 162 -8.76 -9.70 10.80
N THR B 163 -10.03 -9.31 10.97
CA THR B 163 -10.37 -8.20 11.85
C THR B 163 -9.92 -8.42 13.28
N ARG B 164 -10.16 -9.63 13.80
CA ARG B 164 -9.72 -9.95 15.14
C ARG B 164 -8.21 -9.85 15.28
N ALA B 165 -7.49 -10.25 14.24
CA ALA B 165 -6.04 -10.14 14.25
C ALA B 165 -5.60 -8.67 14.27
N ALA B 166 -6.33 -7.81 13.56
CA ALA B 166 -6.03 -6.38 13.59
C ALA B 166 -6.18 -5.78 14.99
N VAL B 167 -7.24 -6.19 15.69
CA VAL B 167 -7.51 -5.69 17.04
C VAL B 167 -6.45 -6.17 18.03
N ARG B 168 -6.09 -7.45 17.96
CA ARG B 168 -4.99 -7.95 18.79
C ARG B 168 -3.68 -7.18 18.56
N MET B 169 -3.38 -6.92 17.29
CA MET B 169 -2.15 -6.21 16.93
C MET B 169 -2.13 -4.79 17.50
N ALA B 170 -3.29 -4.11 17.46
CA ALA B 170 -3.44 -2.76 18.05
C ALA B 170 -3.21 -2.79 19.55
N GLU B 171 -3.82 -3.77 20.22
CA GLU B 171 -3.67 -3.92 21.68
C GLU B 171 -2.25 -4.15 22.11
N GLU B 172 -1.52 -4.92 21.30
CA GLU B 172 -0.15 -5.27 21.61
C GLU B 172 0.85 -4.19 21.28
N HIS B 173 0.41 -3.17 20.53
CA HIS B 173 1.27 -2.06 20.13
C HIS B 173 0.61 -0.71 20.42
N SER B 174 -0.02 -0.64 21.59
CA SER B 174 -0.79 0.53 22.00
C SER B 174 0.06 1.78 22.25
N GLU B 175 1.39 1.61 22.34
CA GLU B 175 2.29 2.74 22.43
C GLU B 175 2.35 3.58 21.14
N PHE B 176 1.92 3.00 20.02
CA PHE B 176 1.97 3.65 18.71
C PHE B 176 0.63 3.58 17.99
N VAL B 177 -0.07 2.46 18.12
CA VAL B 177 -1.36 2.29 17.44
C VAL B 177 -2.45 2.95 18.27
N VAL B 178 -3.10 3.95 17.68
CA VAL B 178 -4.11 4.74 18.41
C VAL B 178 -5.54 4.44 18.01
N GLY B 179 -5.74 3.52 17.07
CA GLY B 179 -7.08 3.20 16.60
C GLY B 179 -7.12 2.41 15.33
N PHE B 180 -8.31 2.45 14.72
CA PHE B 180 -8.63 1.65 13.60
C PHE B 180 -9.28 2.41 12.48
N ILE B 181 -9.05 1.94 11.26
CA ILE B 181 -9.96 2.20 10.15
C ILE B 181 -10.91 0.99 10.18
N SER B 182 -12.21 1.24 10.38
CA SER B 182 -13.22 0.18 10.46
C SER B 182 -14.58 0.69 10.08
N GLY B 183 -15.52 -0.24 9.94
CA GLY B 183 -16.91 0.08 9.59
C GLY B 183 -17.79 0.26 10.81
N SER B 184 -17.28 -0.21 11.94
CA SER B 184 -18.00 -0.17 13.20
C SER B 184 -16.99 -0.24 14.33
N ARG B 185 -17.46 -0.13 15.56
CA ARG B 185 -16.65 -0.40 16.74
C ARG B 185 -16.10 -1.83 16.70
N VAL B 186 -14.78 -1.98 16.70
CA VAL B 186 -14.15 -3.30 16.72
C VAL B 186 -13.42 -3.63 18.01
N SER B 187 -13.13 -2.62 18.82
CA SER B 187 -12.58 -2.80 20.16
C SER B 187 -13.49 -2.13 21.19
N MET B 188 -13.56 -2.72 22.38
CA MET B 188 -14.29 -2.12 23.50
C MET B 188 -13.42 -1.22 24.38
N LYS B 189 -12.12 -1.14 24.10
CA LYS B 189 -11.22 -0.23 24.80
C LYS B 189 -11.43 1.21 24.32
N PRO B 190 -11.86 2.12 25.21
CA PRO B 190 -12.20 3.49 24.81
C PRO B 190 -11.00 4.37 24.43
N GLU B 191 -9.79 3.90 24.70
CA GLU B 191 -8.57 4.59 24.30
C GLU B 191 -8.35 4.53 22.81
N PHE B 192 -9.00 3.59 22.13
CA PHE B 192 -8.86 3.46 20.68
C PHE B 192 -9.88 4.28 19.93
N LEU B 193 -9.44 4.97 18.89
CA LEU B 193 -10.32 5.71 18.00
C LEU B 193 -10.81 4.76 16.90
N HIS B 194 -12.06 4.93 16.45
CA HIS B 194 -12.58 4.26 15.29
C HIS B 194 -12.92 5.29 14.21
N LEU B 195 -12.29 5.19 13.05
CA LEU B 195 -12.53 6.08 11.93
C LEU B 195 -13.15 5.27 10.81
N THR B 196 -14.24 5.77 10.25
CA THR B 196 -14.99 5.02 9.27
C THR B 196 -15.14 5.76 7.94
N PRO B 197 -14.58 5.18 6.87
CA PRO B 197 -14.76 5.67 5.53
C PRO B 197 -15.96 5.01 4.88
N GLY B 198 -16.25 5.32 3.64
CA GLY B 198 -17.48 4.82 3.01
C GLY B 198 -18.72 5.47 3.59
N VAL B 199 -18.69 6.80 3.68
CA VAL B 199 -19.75 7.56 4.34
C VAL B 199 -20.29 8.62 3.39
N GLN B 200 -21.60 8.60 3.19
CA GLN B 200 -22.33 9.67 2.47
C GLN B 200 -23.72 9.81 3.07
N LEU B 201 -24.31 10.98 2.91
CA LEU B 201 -25.65 11.21 3.40
C LEU B 201 -26.66 10.37 2.61
N GLU B 202 -26.45 10.24 1.29
CA GLU B 202 -27.32 9.42 0.42
C GLU B 202 -26.84 7.97 0.30
N ALA B 203 -27.79 7.04 0.12
CA ALA B 203 -27.49 5.64 -0.14
C ALA B 203 -26.77 5.50 -1.47
N GLY B 204 -25.90 4.50 -1.57
CA GLY B 204 -25.27 4.16 -2.83
C GLY B 204 -23.85 3.64 -2.74
N GLY B 205 -23.13 3.78 -3.84
CA GLY B 205 -21.74 3.33 -3.96
C GLY B 205 -21.11 4.02 -5.14
N ASP B 206 -19.96 3.54 -5.58
CA ASP B 206 -19.38 4.04 -6.81
C ASP B 206 -19.27 2.88 -7.80
N ASN B 207 -18.64 3.11 -8.95
CA ASN B 207 -18.54 2.05 -9.97
C ASN B 207 -17.31 1.15 -9.81
N LEU B 208 -16.58 1.31 -8.72
CA LEU B 208 -15.37 0.53 -8.48
C LEU B 208 -15.33 -0.02 -7.05
N GLY B 209 -16.49 -0.46 -6.55
CA GLY B 209 -16.52 -1.20 -5.30
C GLY B 209 -16.74 -0.42 -4.01
N GLN B 210 -16.75 0.90 -4.05
CA GLN B 210 -17.05 1.65 -2.83
C GLN B 210 -18.52 1.50 -2.45
N GLN B 211 -18.78 1.42 -1.15
CA GLN B 211 -20.13 1.30 -0.62
C GLN B 211 -20.30 2.33 0.47
N TYR B 212 -21.48 2.97 0.53
CA TYR B 212 -21.71 4.05 1.47
C TYR B 212 -22.75 3.71 2.53
N ASN B 213 -22.48 4.18 3.74
CA ASN B 213 -23.47 4.21 4.82
C ASN B 213 -23.55 5.64 5.37
N SER B 214 -24.64 5.97 6.06
CA SER B 214 -24.81 7.33 6.55
C SER B 214 -24.06 7.59 7.83
N PRO B 215 -23.80 8.88 8.13
CA PRO B 215 -23.24 9.21 9.46
C PRO B 215 -24.03 8.68 10.64
N GLN B 216 -25.35 8.81 10.56
CA GLN B 216 -26.21 8.32 11.62
C GLN B 216 -26.04 6.81 11.83
N GLU B 217 -25.96 6.05 10.75
CA GLU B 217 -25.74 4.60 10.84
C GLU B 217 -24.37 4.29 11.42
N VAL B 218 -23.34 4.95 10.90
CA VAL B 218 -21.97 4.61 11.26
C VAL B 218 -21.57 5.04 12.66
N ILE B 219 -21.95 6.26 13.03
CA ILE B 219 -21.62 6.77 14.33
C ILE B 219 -22.64 6.29 15.36
N GLY B 220 -23.91 6.33 14.96
CA GLY B 220 -25.01 6.14 15.91
C GLY B 220 -25.23 4.68 16.25
N LYS B 221 -25.45 3.86 15.23
CA LYS B 221 -25.75 2.45 15.44
C LYS B 221 -24.50 1.57 15.44
N ARG B 222 -23.49 1.91 14.65
CA ARG B 222 -22.29 1.05 14.56
C ARG B 222 -21.17 1.45 15.51
N GLY B 223 -21.34 2.57 16.22
CA GLY B 223 -20.49 2.94 17.33
C GLY B 223 -19.12 3.47 16.97
N SER B 224 -18.97 3.92 15.74
CA SER B 224 -17.68 4.52 15.36
C SER B 224 -17.54 5.92 15.91
N ASP B 225 -16.33 6.47 15.85
CA ASP B 225 -16.06 7.78 16.42
C ASP B 225 -16.05 8.91 15.42
N ILE B 226 -15.42 8.67 14.26
CA ILE B 226 -15.20 9.70 13.27
C ILE B 226 -15.62 9.19 11.91
N ILE B 227 -16.21 10.08 11.12
CA ILE B 227 -16.50 9.75 9.71
C ILE B 227 -15.44 10.34 8.78
N ILE B 228 -15.01 9.55 7.82
CA ILE B 228 -14.11 10.00 6.76
C ILE B 228 -14.95 10.16 5.51
N VAL B 229 -15.00 11.38 4.99
CA VAL B 229 -15.86 11.76 3.86
C VAL B 229 -15.03 12.42 2.78
N GLY B 230 -15.07 11.85 1.58
CA GLY B 230 -14.37 12.39 0.43
C GLY B 230 -15.38 13.00 -0.53
N ARG B 231 -15.83 12.23 -1.51
CA ARG B 231 -16.72 12.74 -2.53
C ARG B 231 -18.02 13.38 -2.04
N GLY B 232 -18.61 12.87 -0.95
CA GLY B 232 -19.81 13.52 -0.40
C GLY B 232 -19.64 14.99 -0.08
N ILE B 233 -18.40 15.38 0.21
CA ILE B 233 -18.04 16.79 0.38
C ILE B 233 -17.37 17.35 -0.85
N ILE B 234 -16.29 16.71 -1.35
CA ILE B 234 -15.47 17.27 -2.43
CA ILE B 234 -15.50 17.37 -2.39
C ILE B 234 -16.30 17.51 -3.69
N SER B 235 -17.29 16.66 -3.94
CA SER B 235 -18.09 16.76 -5.19
C SER B 235 -19.17 17.83 -5.14
N ALA B 236 -19.43 18.37 -3.95
CA ALA B 236 -20.45 19.40 -3.78
C ALA B 236 -20.00 20.71 -4.42
N ALA B 237 -20.96 21.53 -4.81
CA ALA B 237 -20.61 22.87 -5.31
C ALA B 237 -19.96 23.68 -4.19
N ASP B 238 -20.65 23.75 -3.06
CA ASP B 238 -20.16 24.43 -1.87
C ASP B 238 -19.65 23.41 -0.85
N ARG B 239 -18.33 23.24 -0.82
CA ARG B 239 -17.72 22.24 0.05
C ARG B 239 -17.84 22.61 1.52
N LEU B 240 -17.85 23.90 1.85
CA LEU B 240 -18.02 24.32 3.23
C LEU B 240 -19.40 23.94 3.75
N GLU B 241 -20.44 24.26 2.99
CA GLU B 241 -21.79 23.88 3.40
C GLU B 241 -21.89 22.36 3.53
N ALA B 242 -21.29 21.65 2.59
CA ALA B 242 -21.34 20.19 2.64
C ALA B 242 -20.64 19.66 3.89
N ALA B 243 -19.48 20.22 4.21
CA ALA B 243 -18.77 19.78 5.40
C ALA B 243 -19.58 20.03 6.66
N GLU B 244 -20.27 21.17 6.69
CA GLU B 244 -21.11 21.51 7.83
C GLU B 244 -22.26 20.53 8.00
N MET B 245 -22.83 20.06 6.88
CA MET B 245 -23.86 19.04 6.90
CA MET B 245 -23.87 19.06 6.95
C MET B 245 -23.34 17.76 7.56
N TYR B 246 -22.17 17.32 7.12
CA TYR B 246 -21.58 16.09 7.61
C TYR B 246 -21.17 16.21 9.06
N ARG B 247 -20.62 17.36 9.42
CA ARG B 247 -20.23 17.64 10.79
C ARG B 247 -21.41 17.51 11.73
N LYS B 248 -22.49 18.21 11.41
CA LYS B 248 -23.66 18.23 12.25
C LYS B 248 -24.29 16.83 12.32
N ALA B 249 -24.33 16.12 11.21
CA ALA B 249 -24.83 14.73 11.22
C ALA B 249 -24.01 13.86 12.15
N ALA B 250 -22.70 13.89 11.99
CA ALA B 250 -21.84 13.04 12.76
C ALA B 250 -21.83 13.44 14.23
N TRP B 251 -21.88 14.74 14.50
CA TRP B 251 -21.78 15.20 15.88
C TRP B 251 -23.03 14.84 16.68
N GLU B 252 -24.19 15.07 16.06
CA GLU B 252 -25.45 14.74 16.71
CA GLU B 252 -25.48 14.73 16.68
C GLU B 252 -25.63 13.25 16.90
N ALA B 253 -25.16 12.44 15.94
CA ALA B 253 -25.17 10.99 16.10
C ALA B 253 -24.37 10.58 17.32
N TYR B 254 -23.20 11.20 17.49
CA TYR B 254 -22.35 10.95 18.65
C TYR B 254 -23.06 11.32 19.95
N LEU B 255 -23.62 12.53 20.01
CA LEU B 255 -24.37 12.98 21.21
C LEU B 255 -25.47 12.03 21.64
N SER B 256 -26.12 11.40 20.67
CA SER B 256 -27.22 10.50 20.92
C SER B 256 -26.79 9.26 21.68
N ARG B 257 -25.67 8.63 21.31
CA ARG B 257 -25.26 7.43 22.04
C ARG B 257 -24.64 7.74 23.41
N LEU B 258 -24.32 9.01 23.67
CA LEU B 258 -23.71 9.40 24.94
C LEU B 258 -24.69 9.30 26.12
N GLY B 259 -25.98 9.54 25.86
CA GLY B 259 -27.01 9.47 26.88
C GLY B 259 -27.62 10.82 27.18
#